data_4UT0
#
_entry.id   4UT0
#
_cell.length_a   106.984
_cell.length_b   70.387
_cell.length_c   107.154
_cell.angle_alpha   90.00
_cell.angle_beta   119.81
_cell.angle_gamma   90.00
#
_symmetry.space_group_name_H-M   'P 1 21 1'
#
loop_
_entity.id
_entity.type
_entity.pdbx_description
1 polymer 'HOMING ENDONUCLEASE I-DMOI'
2 polymer "5'-D(*GP*CP*CP*TP*TP*GP*CP*CP*GP*GP*GP*TP*AP*AP)-3'"
3 polymer "5'-D(*GP*TP*TP*CP*CP*GP*GP*CP*GP*CP*GP)-3'"
4 polymer "5'-D(*CP*GP*CP*GP*CP*CP*GP*GP*AP*AP*CP*TP*TP*AP*CP)-3'"
5 polymer "5'-D(*CP*CP*GP*GP*CP*AP*AP*GP*GP*CP)-3'"
6 non-polymer 'MANGANESE (II) ION'
7 non-polymer 'ACETATE ION'
8 water water
#
loop_
_entity_poly.entity_id
_entity_poly.type
_entity_poly.pdbx_seq_one_letter_code
_entity_poly.pdbx_strand_id
1 'polypeptide(L)'
;AHNNENVSGISAYLLGLIIGDGGLYKLKYKGNRSEYRVVITQKSENLIKQHIAPLMQFLIDELNVKSKIQIVKGDTRYEL
RVSSKKLYYYFANMLERIRLFNMREQIAFIKGLYVAEGDKTLKRLRIWNKNKALLEIVSRWLNNLGVRNTIHLDDHRHGV
YVLNISLRDRIKFVHTILSSHLNPLPPEAAALEHHHHHH
;
A,F,K
2 'polydeoxyribonucleotide' (DG)(DC)(DC)(DT)(DT)(DG)(DC)(DC)(DG)(DG)(DG)(DT)(DA)(DA) B,G,L
3 'polydeoxyribonucleotide' (DG)(DT)(DT)(DC)(DC)(DG)(DG)(DC)(DG)(DC)(DG) C,H,M
4 'polydeoxyribonucleotide' (DC)(DG)(DC)(DG)(DC)(DC)(DG)(DG)(DA)(DA)(DC)(DT)(DT)(DA)(DC) D,I,N
5 'polydeoxyribonucleotide' (DC)(DC)(DG)(DG)(DC)(DA)(DA)(DG)(DG)(DC) E,J,O
#
loop_
_chem_comp.id
_chem_comp.type
_chem_comp.name
_chem_comp.formula
ACT non-polymer 'ACETATE ION' 'C2 H3 O2 -1'
DA DNA linking 2'-DEOXYADENOSINE-5'-MONOPHOSPHATE 'C10 H14 N5 O6 P'
DC DNA linking 2'-DEOXYCYTIDINE-5'-MONOPHOSPHATE 'C9 H14 N3 O7 P'
DG DNA linking 2'-DEOXYGUANOSINE-5'-MONOPHOSPHATE 'C10 H14 N5 O7 P'
DT DNA linking THYMIDINE-5'-MONOPHOSPHATE 'C10 H15 N2 O8 P'
MN non-polymer 'MANGANESE (II) ION' 'Mn 2'
#
# COMPACT_ATOMS: atom_id res chain seq x y z
N GLU A 5 -10.10 4.33 21.64
CA GLU A 5 -10.42 4.49 23.06
C GLU A 5 -9.51 3.61 23.93
N ASN A 6 -8.90 4.19 24.95
CA ASN A 6 -8.91 5.63 25.15
C ASN A 6 -7.56 6.27 24.84
N VAL A 7 -7.34 6.56 23.57
CA VAL A 7 -6.33 7.53 23.22
C VAL A 7 -7.13 8.79 22.87
N SER A 8 -8.45 8.63 22.81
CA SER A 8 -9.35 9.67 22.34
C SER A 8 -9.37 10.92 23.22
N GLY A 9 -9.07 10.77 24.51
CA GLY A 9 -9.05 11.91 25.42
C GLY A 9 -7.81 12.78 25.27
N ILE A 10 -6.65 12.14 25.17
CA ILE A 10 -5.43 12.87 24.96
C ILE A 10 -5.46 13.52 23.57
N SER A 11 -6.05 12.85 22.60
CA SER A 11 -6.23 13.44 21.27
C SER A 11 -7.04 14.74 21.28
N ALA A 12 -8.22 14.70 21.91
CA ALA A 12 -9.10 15.85 22.02
C ALA A 12 -8.38 17.02 22.66
N TYR A 13 -7.62 16.74 23.72
CA TYR A 13 -6.82 17.76 24.39
C TYR A 13 -5.77 18.39 23.44
N LEU A 14 -4.92 17.56 22.84
CA LEU A 14 -3.94 18.05 21.85
C LEU A 14 -4.59 18.86 20.72
N LEU A 15 -5.75 18.41 20.25
CA LEU A 15 -6.47 19.10 19.20
C LEU A 15 -6.92 20.51 19.67
N GLY A 16 -7.28 20.61 20.95
CA GLY A 16 -7.57 21.89 21.55
C GLY A 16 -6.36 22.80 21.41
N LEU A 17 -5.19 22.28 21.72
CA LEU A 17 -3.94 23.02 21.57
C LEU A 17 -3.62 23.32 20.10
N ILE A 18 -3.85 22.35 19.22
CA ILE A 18 -3.57 22.55 17.79
C ILE A 18 -4.49 23.61 17.18
N ILE A 19 -5.80 23.48 17.38
CA ILE A 19 -6.73 24.45 16.83
C ILE A 19 -6.41 25.84 17.40
N GLY A 20 -6.21 25.89 18.71
CA GLY A 20 -6.00 27.12 19.41
C GLY A 20 -4.67 27.79 19.08
N ASP A 21 -3.56 27.13 19.37
CA ASP A 21 -2.26 27.78 19.26
C ASP A 21 -1.35 27.24 18.14
N GLY A 22 -1.88 26.42 17.25
CA GLY A 22 -1.09 25.84 16.19
C GLY A 22 -1.82 25.67 14.88
N GLY A 23 -1.68 24.50 14.28
CA GLY A 23 -2.34 24.27 13.02
C GLY A 23 -2.10 22.97 12.30
N LEU A 24 -2.89 22.78 11.26
CA LEU A 24 -2.80 21.61 10.42
C LEU A 24 -2.45 22.10 9.03
N TYR A 25 -1.30 21.70 8.50
CA TYR A 25 -0.82 22.28 7.25
C TYR A 25 -0.57 21.21 6.21
N LYS A 26 -1.27 21.34 5.08
CA LYS A 26 -1.00 20.51 3.91
C LYS A 26 -0.24 21.35 2.90
N LEU A 27 1.06 21.14 2.82
CA LEU A 27 1.89 21.97 1.95
C LEU A 27 2.20 21.27 0.62
N LYS A 28 2.31 22.06 -0.44
CA LYS A 28 2.76 21.60 -1.75
C LYS A 28 4.08 22.26 -2.08
N TYR A 29 5.13 21.45 -2.16
CA TYR A 29 6.39 21.94 -2.64
C TYR A 29 6.45 21.60 -4.12
N LYS A 30 7.43 22.09 -4.84
CA LYS A 30 7.48 21.75 -6.25
C LYS A 30 8.44 20.59 -6.49
N GLY A 31 8.24 19.93 -7.62
CA GLY A 31 8.89 18.65 -7.91
C GLY A 31 7.91 17.58 -7.45
N ASN A 32 6.63 17.94 -7.50
CA ASN A 32 5.53 17.14 -6.96
C ASN A 32 5.67 16.74 -5.52
N ARG A 33 6.56 17.42 -4.80
CA ARG A 33 6.75 17.15 -3.38
C ARG A 33 5.61 17.75 -2.53
N SER A 34 5.57 17.33 -1.27
CA SER A 34 4.45 17.63 -0.40
C SER A 34 4.89 17.47 1.06
N GLU A 35 4.07 17.99 1.97
CA GLU A 35 4.28 17.79 3.40
C GLU A 35 2.97 18.00 4.21
N TYR A 36 2.88 17.26 5.31
CA TYR A 36 1.71 17.24 6.16
C TYR A 36 2.19 17.52 7.57
N ARG A 37 1.66 18.58 8.18
CA ARG A 37 2.14 19.01 9.49
C ARG A 37 1.08 19.20 10.57
N VAL A 38 1.37 18.64 11.73
CA VAL A 38 0.62 18.90 12.95
C VAL A 38 1.50 19.83 13.82
N VAL A 39 1.02 21.05 14.06
CA VAL A 39 1.79 22.08 14.77
C VAL A 39 1.11 22.64 16.00
N ILE A 40 1.85 22.69 17.11
CA ILE A 40 1.49 23.47 18.29
C ILE A 40 2.58 24.46 18.59
N THR A 41 2.27 25.75 18.62
CA THR A 41 3.27 26.70 19.10
C THR A 41 2.96 27.23 20.50
N GLN A 42 4.03 27.63 21.18
CA GLN A 42 3.97 27.92 22.60
C GLN A 42 5.28 28.59 23.02
N LYS A 43 5.21 29.60 23.89
CA LYS A 43 6.39 30.39 24.20
C LYS A 43 7.36 29.64 25.12
N SER A 44 6.84 29.00 26.16
CA SER A 44 7.69 28.36 27.16
C SER A 44 8.17 26.96 26.76
N GLU A 45 9.48 26.80 26.64
CA GLU A 45 10.07 25.54 26.22
C GLU A 45 9.72 24.37 27.12
N ASN A 46 9.54 24.63 28.41
CA ASN A 46 9.35 23.52 29.34
C ASN A 46 7.95 22.95 29.23
N LEU A 47 6.95 23.81 29.01
CA LEU A 47 5.59 23.33 28.81
C LEU A 47 5.54 22.43 27.59
N ILE A 48 6.17 22.87 26.51
CA ILE A 48 6.26 22.05 25.32
C ILE A 48 7.01 20.74 25.56
N LYS A 49 8.26 20.86 26.01
CA LYS A 49 9.12 19.69 26.13
C LYS A 49 8.71 18.75 27.26
N GLN A 50 8.01 19.26 28.26
CA GLN A 50 7.75 18.42 29.43
C GLN A 50 6.28 18.07 29.64
N HIS A 51 5.37 18.77 28.97
CA HIS A 51 3.96 18.38 29.07
C HIS A 51 3.31 18.07 27.73
N ILE A 52 3.48 18.96 26.76
CA ILE A 52 2.83 18.75 25.48
C ILE A 52 3.51 17.62 24.71
N ALA A 53 4.82 17.73 24.48
CA ALA A 53 5.58 16.74 23.71
C ALA A 53 5.44 15.30 24.24
N PRO A 54 5.51 15.09 25.57
CA PRO A 54 5.26 13.71 26.05
C PRO A 54 3.86 13.17 25.76
N LEU A 55 2.85 14.03 25.66
CA LEU A 55 1.52 13.54 25.31
C LEU A 55 1.45 13.23 23.81
N MET A 56 2.09 14.06 23.00
CA MET A 56 2.13 13.82 21.56
C MET A 56 2.86 12.52 21.25
N GLN A 57 3.98 12.31 21.95
CA GLN A 57 4.79 11.11 21.80
C GLN A 57 3.98 9.85 22.07
N PHE A 58 3.27 9.85 23.19
CA PHE A 58 2.41 8.72 23.56
C PHE A 58 1.41 8.39 22.43
N LEU A 59 0.72 9.42 21.95
CA LEU A 59 -0.23 9.30 20.84
C LEU A 59 0.45 8.77 19.58
N ILE A 60 1.62 9.32 19.28
CA ILE A 60 2.42 8.84 18.16
C ILE A 60 2.76 7.34 18.25
N ASP A 61 3.23 6.90 19.42
CA ASP A 61 3.55 5.49 19.61
C ASP A 61 2.28 4.66 19.56
N GLU A 62 1.18 5.19 20.07
CA GLU A 62 -0.07 4.44 19.99
C GLU A 62 -0.56 4.28 18.54
N LEU A 63 -0.37 5.28 17.70
CA LEU A 63 -0.91 5.22 16.35
C LEU A 63 0.13 4.68 15.37
N ASN A 64 1.26 4.26 15.93
CA ASN A 64 2.39 3.80 15.15
C ASN A 64 2.73 4.78 14.05
N VAL A 65 2.92 6.02 14.46
CA VAL A 65 3.37 7.05 13.55
C VAL A 65 4.89 7.04 13.62
N LYS A 66 5.55 7.01 12.47
CA LYS A 66 7.01 6.85 12.44
C LYS A 66 7.73 8.16 12.67
N SER A 67 6.99 9.25 12.54
CA SER A 67 7.61 10.56 12.43
C SER A 67 8.25 11.02 13.73
N LYS A 68 9.12 12.00 13.59
CA LYS A 68 9.84 12.58 14.71
C LYS A 68 9.06 13.78 15.29
N ILE A 69 9.10 13.97 16.61
CA ILE A 69 8.59 15.23 17.14
C ILE A 69 9.70 16.28 17.05
N GLN A 70 9.51 17.23 16.14
CA GLN A 70 10.44 18.33 16.01
C GLN A 70 10.05 19.44 16.97
N ILE A 71 11.05 20.00 17.66
CA ILE A 71 10.89 21.25 18.38
C ILE A 71 11.78 22.31 17.77
N VAL A 72 11.20 23.22 17.01
CA VAL A 72 11.93 24.26 16.30
C VAL A 72 11.86 25.60 17.02
N LYS A 73 13.01 26.18 17.35
CA LYS A 73 13.03 27.44 18.08
C LYS A 73 12.85 28.63 17.16
N GLY A 74 11.90 29.49 17.51
CA GLY A 74 11.64 30.68 16.73
C GLY A 74 11.94 31.91 17.56
N ASP A 75 11.84 33.08 16.93
CA ASP A 75 12.10 34.31 17.63
C ASP A 75 11.15 34.49 18.81
N THR A 76 9.87 34.28 18.54
CA THR A 76 8.82 34.62 19.50
C THR A 76 8.15 33.40 20.12
N ARG A 77 8.47 32.21 19.61
CA ARG A 77 7.75 31.02 20.00
C ARG A 77 8.53 29.76 19.66
N TYR A 78 8.37 28.73 20.49
CA TYR A 78 8.77 27.40 20.11
C TYR A 78 7.68 26.76 19.24
N GLU A 79 8.08 25.82 18.38
CA GLU A 79 7.12 25.12 17.53
C GLU A 79 7.29 23.62 17.71
N LEU A 80 6.27 22.97 18.28
CA LEU A 80 6.23 21.52 18.25
C LEU A 80 5.63 21.18 16.90
N ARG A 81 6.30 20.29 16.17
CA ARG A 81 5.88 19.97 14.82
C ARG A 81 6.07 18.48 14.54
N VAL A 82 4.99 17.83 14.09
CA VAL A 82 5.10 16.46 13.65
C VAL A 82 4.76 16.42 12.18
N SER A 83 5.73 15.99 11.36
CA SER A 83 5.57 15.93 9.91
C SER A 83 5.14 14.53 9.55
N SER A 84 3.85 14.37 9.23
CA SER A 84 3.22 13.05 9.09
C SER A 84 1.82 13.08 8.46
N LYS A 85 1.69 12.51 7.26
CA LYS A 85 0.41 12.42 6.57
C LYS A 85 -0.67 11.74 7.41
N LYS A 86 -0.29 10.66 8.08
CA LYS A 86 -1.19 9.93 8.94
C LYS A 86 -1.70 10.75 10.13
N LEU A 87 -0.80 11.45 10.81
CA LEU A 87 -1.18 12.20 12.00
C LEU A 87 -1.96 13.43 11.58
N TYR A 88 -1.58 14.02 10.45
CA TYR A 88 -2.35 15.12 9.88
C TYR A 88 -3.83 14.76 9.66
N TYR A 89 -4.08 13.64 8.96
CA TYR A 89 -5.45 13.25 8.66
C TYR A 89 -6.19 12.75 9.90
N TYR A 90 -5.45 12.16 10.84
CA TYR A 90 -6.05 11.73 12.10
C TYR A 90 -6.71 12.92 12.82
N PHE A 91 -6.02 14.05 12.92
CA PHE A 91 -6.58 15.22 13.58
C PHE A 91 -7.58 15.97 12.71
N ALA A 92 -7.32 16.02 11.40
CA ALA A 92 -8.23 16.72 10.50
C ALA A 92 -9.59 16.02 10.46
N ASN A 93 -9.58 14.69 10.41
CA ASN A 93 -10.83 13.94 10.43
C ASN A 93 -11.50 14.04 11.81
N MET A 94 -10.67 14.11 12.85
CA MET A 94 -11.23 14.21 14.19
C MET A 94 -11.93 15.58 14.37
N LEU A 95 -11.30 16.63 13.83
CA LEU A 95 -11.89 17.94 13.81
C LEU A 95 -13.27 17.92 13.15
N GLU A 96 -13.36 17.23 12.01
CA GLU A 96 -14.62 17.15 11.27
C GLU A 96 -15.75 16.51 12.06
N ARG A 97 -15.42 15.72 13.08
CA ARG A 97 -16.39 14.97 13.86
C ARG A 97 -16.52 15.59 15.26
N ILE A 98 -16.16 16.86 15.39
CA ILE A 98 -16.08 17.46 16.72
C ILE A 98 -17.45 17.51 17.44
N ARG A 99 -18.53 17.66 16.69
CA ARG A 99 -19.88 17.73 17.28
C ARG A 99 -20.26 16.43 17.99
N LEU A 100 -19.64 15.33 17.56
CA LEU A 100 -19.95 14.02 18.13
C LEU A 100 -19.05 13.61 19.29
N PHE A 101 -18.31 14.55 19.84
CA PHE A 101 -17.45 14.26 20.99
C PHE A 101 -18.24 13.82 22.22
N ASN A 102 -17.77 12.77 22.88
CA ASN A 102 -18.38 12.41 24.15
C ASN A 102 -17.92 13.38 25.22
N MET A 103 -18.40 13.16 26.44
CA MET A 103 -18.11 14.06 27.55
C MET A 103 -16.62 14.09 27.88
N ARG A 104 -15.95 12.95 27.77
CA ARG A 104 -14.53 12.86 28.07
C ARG A 104 -13.70 13.73 27.11
N GLU A 105 -14.07 13.66 25.84
CA GLU A 105 -13.42 14.43 24.79
C GLU A 105 -13.79 15.91 24.82
N GLN A 106 -15.05 16.23 25.16
CA GLN A 106 -15.48 17.61 25.29
C GLN A 106 -14.62 18.32 26.31
N ILE A 107 -14.57 17.76 27.51
CA ILE A 107 -13.76 18.31 28.60
C ILE A 107 -12.26 18.42 28.23
N ALA A 108 -11.73 17.40 27.55
CA ALA A 108 -10.34 17.43 27.09
C ALA A 108 -10.11 18.57 26.10
N PHE A 109 -10.96 18.64 25.08
CA PHE A 109 -10.86 19.69 24.07
C PHE A 109 -10.97 21.11 24.67
N ILE A 110 -11.93 21.32 25.57
CA ILE A 110 -12.08 22.63 26.23
C ILE A 110 -10.85 22.99 27.06
N LYS A 111 -10.32 22.02 27.78
CA LYS A 111 -9.11 22.28 28.56
C LYS A 111 -7.94 22.68 27.66
N GLY A 112 -7.78 22.00 26.53
CA GLY A 112 -6.72 22.30 25.60
C GLY A 112 -6.89 23.65 24.96
N LEU A 113 -8.11 23.93 24.52
CA LEU A 113 -8.43 25.25 23.99
C LEU A 113 -8.14 26.33 25.01
N TYR A 114 -8.47 26.06 26.28
CA TYR A 114 -8.25 27.05 27.33
C TYR A 114 -6.75 27.24 27.63
N VAL A 115 -5.99 26.16 27.67
CA VAL A 115 -4.54 26.32 27.83
C VAL A 115 -4.00 27.23 26.71
N ALA A 116 -4.44 27.01 25.47
CA ALA A 116 -4.03 27.84 24.32
C ALA A 116 -4.50 29.30 24.39
N GLU A 117 -5.79 29.46 24.58
CA GLU A 117 -6.32 30.77 24.44
C GLU A 117 -7.30 31.31 25.44
N GLY A 118 -7.37 30.65 26.57
CA GLY A 118 -8.20 31.09 27.67
C GLY A 118 -7.55 32.21 28.47
N ASP A 119 -8.36 32.91 29.27
CA ASP A 119 -7.88 33.93 30.19
C ASP A 119 -7.07 33.26 31.31
N LYS A 120 -5.81 33.64 31.46
CA LYS A 120 -4.97 32.94 32.42
C LYS A 120 -4.98 33.54 33.83
N THR A 121 -5.25 34.83 33.96
CA THR A 121 -5.33 35.40 35.31
C THR A 121 -6.41 34.71 36.14
N LEU A 122 -7.37 34.08 35.45
CA LEU A 122 -8.55 33.47 36.07
C LEU A 122 -9.41 34.47 36.88
N LYS A 123 -9.07 35.76 36.83
CA LYS A 123 -9.96 36.81 37.37
C LYS A 123 -11.25 36.77 36.56
N ARG A 124 -11.09 36.67 35.25
CA ARG A 124 -12.21 36.33 34.38
C ARG A 124 -11.97 35.00 33.68
N LEU A 125 -13.05 34.38 33.25
CA LEU A 125 -12.99 33.13 32.53
C LEU A 125 -13.48 33.36 31.10
N ARG A 126 -12.51 33.39 30.18
CA ARG A 126 -12.71 33.87 28.81
C ARG A 126 -11.95 33.02 27.81
N ILE A 127 -12.59 32.72 26.69
CA ILE A 127 -11.88 32.07 25.58
C ILE A 127 -12.05 32.91 24.33
N TRP A 128 -10.94 33.15 23.65
CA TRP A 128 -10.97 33.98 22.45
C TRP A 128 -10.82 33.17 21.17
N ASN A 129 -11.58 33.55 20.14
CA ASN A 129 -11.43 32.94 18.82
C ASN A 129 -12.29 33.57 17.71
N LYS A 130 -11.76 33.62 16.49
CA LYS A 130 -12.51 34.12 15.35
C LYS A 130 -13.55 33.10 14.86
N ASN A 131 -13.41 31.87 15.29
CA ASN A 131 -14.29 30.82 14.81
C ASN A 131 -15.58 30.70 15.69
N LYS A 132 -16.57 31.53 15.40
CA LYS A 132 -17.80 31.56 16.17
C LYS A 132 -18.47 30.19 16.26
N ALA A 133 -18.46 29.46 15.15
CA ALA A 133 -19.10 28.16 15.10
C ALA A 133 -18.48 27.21 16.13
N LEU A 134 -17.15 27.22 16.17
CA LEU A 134 -16.45 26.47 17.19
C LEU A 134 -16.78 26.95 18.62
N LEU A 135 -16.78 28.25 18.86
CA LEU A 135 -17.18 28.74 20.19
C LEU A 135 -18.62 28.32 20.54
N GLU A 136 -19.54 28.40 19.57
CA GLU A 136 -20.92 28.01 19.83
C GLU A 136 -21.09 26.53 20.17
N ILE A 137 -20.18 25.70 19.68
CA ILE A 137 -20.19 24.28 20.05
C ILE A 137 -19.72 24.13 21.50
N VAL A 138 -18.61 24.77 21.83
CA VAL A 138 -18.12 24.77 23.20
C VAL A 138 -19.18 25.36 24.17
N SER A 139 -19.92 26.38 23.72
CA SER A 139 -20.98 26.97 24.54
C SER A 139 -22.06 25.94 24.86
N ARG A 140 -22.50 25.20 23.85
CA ARG A 140 -23.51 24.14 24.07
C ARG A 140 -23.00 23.09 25.05
N TRP A 141 -21.76 22.63 24.86
CA TRP A 141 -21.20 21.66 25.78
C TRP A 141 -21.16 22.19 27.22
N LEU A 142 -20.68 23.43 27.39
CA LEU A 142 -20.61 24.07 28.70
C LEU A 142 -21.98 24.17 29.40
N ASN A 143 -23.02 24.53 28.64
CA ASN A 143 -24.39 24.52 29.15
C ASN A 143 -24.79 23.13 29.64
N ASN A 144 -24.50 22.10 28.86
CA ASN A 144 -24.85 20.75 29.27
C ASN A 144 -24.04 20.28 30.49
N LEU A 145 -22.98 21.02 30.81
CA LEU A 145 -22.25 20.76 32.04
C LEU A 145 -22.68 21.74 33.13
N GLY A 146 -23.79 22.44 32.90
CA GLY A 146 -24.26 23.44 33.85
C GLY A 146 -23.30 24.59 34.07
N VAL A 147 -22.55 24.95 33.04
CA VAL A 147 -21.70 26.14 33.13
C VAL A 147 -22.26 27.19 32.20
N ARG A 148 -22.73 28.28 32.78
CA ARG A 148 -23.40 29.27 31.98
C ARG A 148 -22.37 30.17 31.30
N ASN A 149 -22.74 30.72 30.15
CA ASN A 149 -21.74 31.38 29.34
C ASN A 149 -22.41 32.21 28.26
N THR A 150 -21.73 33.24 27.80
CA THR A 150 -22.24 34.04 26.70
C THR A 150 -21.16 34.27 25.65
N ILE A 151 -21.59 34.46 24.41
CA ILE A 151 -20.69 34.74 23.31
C ILE A 151 -21.01 36.09 22.67
N HIS A 152 -20.00 36.91 22.51
CA HIS A 152 -20.15 38.11 21.70
C HIS A 152 -18.84 38.51 21.02
N LEU A 153 -18.94 39.43 20.05
CA LEU A 153 -17.77 39.95 19.34
C LEU A 153 -16.95 40.89 20.22
N ASP A 154 -15.82 40.42 20.71
CA ASP A 154 -14.94 41.20 21.56
C ASP A 154 -14.05 42.19 20.80
N ASP A 155 -13.47 41.73 19.69
CA ASP A 155 -12.53 42.57 18.95
C ASP A 155 -13.07 42.88 17.55
N HIS A 156 -13.50 44.12 17.35
CA HIS A 156 -14.09 44.49 16.07
C HIS A 156 -13.02 44.64 14.98
N ARG A 157 -11.77 44.91 15.40
CA ARG A 157 -10.65 45.04 14.48
C ARG A 157 -10.29 43.74 13.74
N HIS A 158 -10.23 42.63 14.47
CA HIS A 158 -9.78 41.37 13.88
C HIS A 158 -10.87 40.31 13.80
N GLY A 159 -12.10 40.69 14.13
CA GLY A 159 -13.20 39.76 14.05
C GLY A 159 -13.19 38.68 15.11
N VAL A 160 -12.53 38.94 16.25
CA VAL A 160 -12.37 37.94 17.30
C VAL A 160 -13.50 37.92 18.34
N TYR A 161 -14.17 36.78 18.44
CA TYR A 161 -15.20 36.61 19.42
C TYR A 161 -14.61 36.21 20.75
N VAL A 162 -15.44 36.27 21.78
CA VAL A 162 -15.05 35.85 23.10
C VAL A 162 -16.19 35.01 23.67
N LEU A 163 -15.81 33.94 24.35
CA LEU A 163 -16.77 33.17 25.12
C LEU A 163 -16.49 33.48 26.58
N ASN A 164 -17.44 34.17 27.24
CA ASN A 164 -17.30 34.48 28.65
C ASN A 164 -18.04 33.46 29.52
N ILE A 165 -17.28 32.76 30.35
CA ILE A 165 -17.86 31.83 31.32
C ILE A 165 -18.32 32.69 32.49
N SER A 166 -19.58 32.54 32.86
CA SER A 166 -20.12 33.30 33.98
C SER A 166 -19.40 32.99 35.28
N LEU A 167 -18.95 34.03 35.99
CA LEU A 167 -18.31 33.81 37.28
C LEU A 167 -19.22 33.18 38.33
N ARG A 168 -20.53 33.21 38.12
CA ARG A 168 -21.47 32.38 38.88
C ARG A 168 -21.09 30.90 38.91
N ASP A 169 -20.60 30.38 37.79
CA ASP A 169 -20.31 28.95 37.69
C ASP A 169 -18.81 28.72 37.71
N ARG A 170 -18.09 29.67 38.29
CA ARG A 170 -16.65 29.63 38.34
C ARG A 170 -16.10 28.30 38.85
N ILE A 171 -16.49 27.94 40.07
CA ILE A 171 -16.02 26.71 40.71
C ILE A 171 -16.29 25.47 39.87
N LYS A 172 -17.49 25.34 39.31
CA LYS A 172 -17.78 24.19 38.48
C LYS A 172 -16.84 24.17 37.28
N PHE A 173 -16.62 25.33 36.65
CA PHE A 173 -15.77 25.38 35.47
C PHE A 173 -14.35 24.95 35.78
N VAL A 174 -13.77 25.53 36.83
CA VAL A 174 -12.38 25.21 37.17
C VAL A 174 -12.21 23.76 37.64
N HIS A 175 -13.12 23.27 38.47
CA HIS A 175 -13.03 21.90 39.00
CA HIS A 175 -13.06 21.91 39.00
C HIS A 175 -13.36 20.84 37.95
N THR A 176 -14.37 21.09 37.11
CA THR A 176 -14.79 20.14 36.08
C THR A 176 -13.89 20.15 34.82
N ILE A 177 -13.42 21.33 34.43
CA ILE A 177 -12.65 21.45 33.19
C ILE A 177 -11.14 21.70 33.39
N LEU A 178 -10.77 22.86 33.94
CA LEU A 178 -9.35 23.23 33.98
C LEU A 178 -8.46 22.34 34.88
N SER A 179 -9.03 21.75 35.92
CA SER A 179 -8.22 20.92 36.80
C SER A 179 -8.77 19.51 36.81
N SER A 180 -9.26 19.10 35.64
CA SER A 180 -9.79 17.76 35.45
C SER A 180 -8.64 16.77 35.54
N HIS A 181 -8.83 15.73 36.34
CA HIS A 181 -7.87 14.63 36.38
C HIS A 181 -8.22 13.64 35.27
N LEU A 182 -9.26 13.92 34.50
CA LEU A 182 -9.71 13.00 33.44
C LEU A 182 -8.60 12.74 32.43
N ASN A 183 -8.56 11.50 31.95
CA ASN A 183 -7.60 10.99 30.96
C ASN A 183 -6.18 11.61 30.94
N PRO A 184 -5.37 11.44 32.00
CA PRO A 184 -4.08 12.10 31.80
C PRO A 184 -2.94 11.10 31.58
N LEU A 185 -1.75 11.67 31.39
CA LEU A 185 -0.63 10.97 30.76
C LEU A 185 -0.34 9.66 31.42
N PRO A 186 -0.62 8.56 30.70
CA PRO A 186 -0.53 7.21 31.29
C PRO A 186 0.90 6.72 31.50
N PRO A 187 1.09 5.78 32.43
CA PRO A 187 2.40 5.14 32.48
C PRO A 187 2.47 3.97 31.51
N GLU F 5 -7.43 -29.35 -3.87
CA GLU F 5 -7.40 -28.25 -2.91
C GLU F 5 -8.82 -27.72 -2.66
N ASN F 6 -9.15 -27.55 -1.38
CA ASN F 6 -10.49 -27.18 -0.93
C ASN F 6 -10.90 -25.75 -1.31
N VAL F 7 -9.98 -24.80 -1.09
CA VAL F 7 -10.22 -23.38 -1.39
C VAL F 7 -10.52 -23.11 -2.87
N SER F 8 -9.78 -23.77 -3.76
CA SER F 8 -9.99 -23.57 -5.18
C SER F 8 -11.32 -24.17 -5.65
N GLY F 9 -11.78 -25.25 -5.01
CA GLY F 9 -13.03 -25.86 -5.39
C GLY F 9 -14.22 -25.02 -4.91
N ILE F 10 -14.13 -24.57 -3.67
CA ILE F 10 -15.15 -23.69 -3.14
C ILE F 10 -15.15 -22.38 -3.95
N SER F 11 -13.98 -21.90 -4.33
CA SER F 11 -13.89 -20.72 -5.17
C SER F 11 -14.62 -20.89 -6.50
N ALA F 12 -14.41 -22.03 -7.16
CA ALA F 12 -15.03 -22.24 -8.47
C ALA F 12 -16.54 -22.45 -8.36
N TYR F 13 -17.00 -23.06 -7.28
CA TYR F 13 -18.43 -23.19 -7.01
C TYR F 13 -19.09 -21.81 -6.84
N LEU F 14 -18.49 -20.98 -5.99
CA LEU F 14 -18.97 -19.62 -5.76
C LEU F 14 -18.99 -18.79 -7.05
N LEU F 15 -17.96 -18.96 -7.88
CA LEU F 15 -17.88 -18.22 -9.15
C LEU F 15 -19.02 -18.63 -10.08
N GLY F 16 -19.38 -19.91 -10.06
CA GLY F 16 -20.53 -20.37 -10.81
C GLY F 16 -21.80 -19.63 -10.38
N LEU F 17 -22.01 -19.53 -9.06
CA LEU F 17 -23.15 -18.78 -8.53
C LEU F 17 -23.05 -17.32 -8.92
N ILE F 18 -21.84 -16.75 -8.87
CA ILE F 18 -21.67 -15.32 -9.10
C ILE F 18 -21.90 -14.97 -10.57
N ILE F 19 -21.27 -15.71 -11.47
CA ILE F 19 -21.51 -15.51 -12.89
C ILE F 19 -23.01 -15.76 -13.17
N GLY F 20 -23.55 -16.80 -12.54
CA GLY F 20 -24.93 -17.16 -12.77
C GLY F 20 -25.94 -16.15 -12.23
N ASP F 21 -26.00 -16.03 -10.92
CA ASP F 21 -27.08 -15.29 -10.28
C ASP F 21 -26.67 -14.02 -9.57
N GLY F 22 -25.51 -13.48 -9.91
CA GLY F 22 -24.98 -12.35 -9.16
C GLY F 22 -24.12 -11.54 -10.08
N GLY F 23 -22.94 -11.16 -9.61
CA GLY F 23 -22.05 -10.38 -10.44
C GLY F 23 -20.87 -9.80 -9.69
N LEU F 24 -19.97 -9.23 -10.46
CA LEU F 24 -18.81 -8.54 -9.95
C LEU F 24 -18.91 -7.10 -10.38
N TYR F 25 -18.86 -6.18 -9.43
CA TYR F 25 -19.18 -4.81 -9.72
C TYR F 25 -18.09 -3.89 -9.25
N LYS F 26 -17.63 -3.05 -10.16
CA LYS F 26 -16.67 -2.02 -9.81
C LYS F 26 -17.41 -0.69 -9.86
N LEU F 27 -17.67 -0.12 -8.69
CA LEU F 27 -18.48 1.09 -8.58
C LEU F 27 -17.64 2.35 -8.38
N LYS F 28 -18.08 3.43 -9.00
CA LYS F 28 -17.52 4.76 -8.76
C LYS F 28 -18.63 5.67 -8.22
N TYR F 29 -18.28 6.45 -7.20
CA TYR F 29 -19.24 7.30 -6.51
C TYR F 29 -18.85 8.77 -6.53
N LYS F 30 -19.81 9.60 -6.17
CA LYS F 30 -19.58 10.95 -5.67
C LYS F 30 -18.78 10.80 -4.38
N GLY F 31 -17.49 11.15 -4.30
CA GLY F 31 -16.60 11.54 -5.38
C GLY F 31 -15.31 11.83 -4.59
N ASN F 32 -14.15 11.35 -5.00
CA ASN F 32 -14.00 10.26 -5.95
C ASN F 32 -14.08 8.95 -5.20
N ARG F 33 -15.18 8.66 -4.53
CA ARG F 33 -15.28 7.43 -3.77
C ARG F 33 -15.48 6.21 -4.68
N SER F 34 -15.41 5.01 -4.11
CA SER F 34 -15.54 3.81 -4.92
C SER F 34 -15.93 2.61 -4.09
N GLU F 35 -16.18 1.49 -4.78
CA GLU F 35 -16.56 0.25 -4.11
C GLU F 35 -16.41 -0.95 -5.06
N TYR F 36 -16.07 -2.10 -4.49
CA TYR F 36 -15.84 -3.31 -5.25
C TYR F 36 -16.68 -4.42 -4.66
N ARG F 37 -17.61 -4.95 -5.44
CA ARG F 37 -18.60 -5.84 -4.86
C ARG F 37 -18.62 -7.21 -5.51
N VAL F 38 -18.77 -8.22 -4.66
CA VAL F 38 -18.95 -9.59 -5.07
C VAL F 38 -20.36 -9.98 -4.63
N VAL F 39 -21.26 -10.21 -5.59
CA VAL F 39 -22.67 -10.41 -5.30
C VAL F 39 -23.20 -11.73 -5.80
N ILE F 40 -23.97 -12.41 -4.94
CA ILE F 40 -24.83 -13.51 -5.35
C ILE F 40 -26.27 -13.24 -4.88
N THR F 41 -27.25 -13.20 -5.79
CA THR F 41 -28.65 -13.05 -5.38
C THR F 41 -29.39 -14.38 -5.43
N GLN F 42 -30.38 -14.52 -4.56
CA GLN F 42 -31.22 -15.71 -4.45
C GLN F 42 -32.53 -15.38 -3.71
N LYS F 43 -33.63 -16.00 -4.13
CA LYS F 43 -34.94 -15.79 -3.48
C LYS F 43 -34.93 -16.30 -2.05
N SER F 44 -34.57 -17.57 -1.87
CA SER F 44 -34.53 -18.20 -0.57
C SER F 44 -33.47 -17.58 0.35
N GLU F 45 -33.92 -16.99 1.45
CA GLU F 45 -32.97 -16.42 2.40
C GLU F 45 -32.26 -17.51 3.17
N ASN F 46 -32.86 -18.69 3.28
CA ASN F 46 -32.21 -19.79 3.97
C ASN F 46 -31.12 -20.41 3.12
N LEU F 47 -31.37 -20.54 1.81
CA LEU F 47 -30.34 -21.04 0.91
C LEU F 47 -29.11 -20.12 1.00
N ILE F 48 -29.32 -18.81 0.97
CA ILE F 48 -28.23 -17.87 1.11
C ILE F 48 -27.53 -17.99 2.46
N LYS F 49 -28.29 -17.97 3.56
CA LYS F 49 -27.66 -17.97 4.88
C LYS F 49 -27.07 -19.33 5.29
N GLN F 50 -27.68 -20.42 4.84
CA GLN F 50 -27.28 -21.73 5.34
C GLN F 50 -26.34 -22.46 4.38
N HIS F 51 -26.56 -22.31 3.08
CA HIS F 51 -25.70 -22.97 2.11
C HIS F 51 -24.60 -22.05 1.53
N ILE F 52 -24.96 -20.83 1.14
CA ILE F 52 -24.00 -20.02 0.39
C ILE F 52 -23.09 -19.18 1.28
N ALA F 53 -23.67 -18.40 2.18
CA ALA F 53 -22.88 -17.54 3.08
C ALA F 53 -21.76 -18.30 3.79
N PRO F 54 -22.03 -19.50 4.36
CA PRO F 54 -20.92 -20.18 5.04
C PRO F 54 -19.71 -20.52 4.15
N LEU F 55 -19.93 -20.93 2.89
CA LEU F 55 -18.83 -21.18 1.95
C LEU F 55 -18.07 -19.88 1.68
N MET F 56 -18.80 -18.82 1.41
CA MET F 56 -18.16 -17.54 1.18
C MET F 56 -17.32 -17.08 2.39
N GLN F 57 -17.83 -17.31 3.61
CA GLN F 57 -17.11 -16.87 4.81
C GLN F 57 -15.82 -17.65 4.96
N PHE F 58 -15.91 -18.94 4.70
CA PHE F 58 -14.73 -19.77 4.76
C PHE F 58 -13.64 -19.29 3.82
N LEU F 59 -14.05 -18.87 2.62
CA LEU F 59 -13.13 -18.30 1.63
C LEU F 59 -12.60 -16.96 2.10
N ILE F 60 -13.48 -16.14 2.64
CA ILE F 60 -13.09 -14.85 3.19
CA ILE F 60 -13.09 -14.86 3.20
C ILE F 60 -11.98 -15.02 4.22
N ASP F 61 -12.10 -16.03 5.05
CA ASP F 61 -11.17 -16.24 6.15
C ASP F 61 -9.81 -16.71 5.66
N GLU F 62 -9.83 -17.61 4.68
CA GLU F 62 -8.59 -18.18 4.19
C GLU F 62 -7.77 -17.16 3.39
N LEU F 63 -8.46 -16.23 2.73
CA LEU F 63 -7.80 -15.20 1.92
C LEU F 63 -7.47 -14.01 2.77
N ASN F 64 -7.71 -14.14 4.08
CA ASN F 64 -7.56 -13.03 5.03
C ASN F 64 -8.21 -11.72 4.58
N VAL F 65 -9.40 -11.82 3.97
CA VAL F 65 -10.19 -10.65 3.64
C VAL F 65 -10.96 -10.27 4.90
N LYS F 66 -10.92 -9.02 5.33
CA LYS F 66 -11.81 -8.75 6.46
C LYS F 66 -12.89 -7.74 6.06
N SER F 67 -13.53 -8.04 4.94
CA SER F 67 -14.80 -7.47 4.62
C SER F 67 -15.83 -8.40 5.25
N LYS F 68 -17.02 -7.91 5.53
CA LYS F 68 -18.01 -8.78 6.14
C LYS F 68 -18.98 -9.29 5.08
N ILE F 69 -19.70 -10.35 5.40
CA ILE F 69 -20.72 -10.81 4.47
C ILE F 69 -21.98 -10.05 4.76
N GLN F 70 -22.47 -9.34 3.76
CA GLN F 70 -23.70 -8.57 3.91
C GLN F 70 -24.84 -9.37 3.32
N ILE F 71 -25.96 -9.46 4.06
CA ILE F 71 -27.20 -9.96 3.46
C ILE F 71 -28.22 -8.85 3.42
N VAL F 72 -28.55 -8.40 2.22
CA VAL F 72 -29.52 -7.33 2.04
C VAL F 72 -30.82 -7.91 1.48
N LYS F 73 -31.95 -7.55 2.10
CA LYS F 73 -33.27 -7.98 1.61
C LYS F 73 -33.80 -7.02 0.56
N GLY F 74 -34.24 -7.55 -0.57
CA GLY F 74 -34.86 -6.74 -1.60
C GLY F 74 -36.28 -7.22 -1.85
N ASP F 75 -37.00 -6.53 -2.74
CA ASP F 75 -38.35 -6.92 -3.15
C ASP F 75 -38.46 -8.41 -3.48
N THR F 76 -37.72 -8.81 -4.49
CA THR F 76 -37.88 -10.10 -5.13
C THR F 76 -36.76 -11.12 -4.81
N ARG F 77 -35.73 -10.71 -4.07
CA ARG F 77 -34.53 -11.52 -3.92
C ARG F 77 -33.75 -11.06 -2.71
N TYR F 78 -33.03 -11.97 -2.08
CA TYR F 78 -31.99 -11.58 -1.15
C TYR F 78 -30.67 -11.40 -1.89
N GLU F 79 -29.83 -10.52 -1.37
CA GLU F 79 -28.54 -10.26 -1.99
C GLU F 79 -27.43 -10.65 -1.03
N LEU F 80 -26.61 -11.62 -1.36
CA LEU F 80 -25.38 -11.83 -0.60
C LEU F 80 -24.33 -10.89 -1.19
N ARG F 81 -23.68 -10.11 -0.34
CA ARG F 81 -22.76 -9.10 -0.82
C ARG F 81 -21.48 -8.97 0.05
N VAL F 82 -20.34 -9.00 -0.63
CA VAL F 82 -19.06 -8.70 0.03
C VAL F 82 -18.41 -7.50 -0.62
N SER F 83 -18.21 -6.45 0.16
CA SER F 83 -17.60 -5.24 -0.35
C SER F 83 -16.08 -5.32 -0.15
N SER F 84 -15.33 -5.67 -1.21
CA SER F 84 -13.88 -5.95 -1.10
C SER F 84 -13.09 -5.93 -2.41
N LYS F 85 -12.21 -4.95 -2.57
CA LYS F 85 -11.33 -4.85 -3.74
C LYS F 85 -10.58 -6.16 -3.97
N LYS F 86 -10.00 -6.68 -2.91
CA LYS F 86 -9.29 -7.94 -2.95
C LYS F 86 -10.15 -9.13 -3.38
N LEU F 87 -11.37 -9.22 -2.86
CA LEU F 87 -12.22 -10.37 -3.20
C LEU F 87 -12.69 -10.20 -4.65
N TYR F 88 -12.99 -8.96 -5.02
CA TYR F 88 -13.38 -8.64 -6.38
C TYR F 88 -12.33 -9.12 -7.41
N TYR F 89 -11.07 -8.71 -7.24
CA TYR F 89 -10.03 -9.11 -8.21
C TYR F 89 -9.71 -10.59 -8.12
N TYR F 90 -9.82 -11.16 -6.93
CA TYR F 90 -9.62 -12.59 -6.79
C TYR F 90 -10.59 -13.37 -7.72
N PHE F 91 -11.87 -13.02 -7.72
CA PHE F 91 -12.81 -13.71 -8.60
C PHE F 91 -12.68 -13.28 -10.06
N ALA F 92 -12.46 -11.99 -10.30
CA ALA F 92 -12.37 -11.46 -11.66
C ALA F 92 -11.17 -12.02 -12.44
N ASN F 93 -10.04 -12.20 -11.76
CA ASN F 93 -8.88 -12.80 -12.39
C ASN F 93 -9.12 -14.29 -12.63
N MET F 94 -9.74 -14.93 -11.63
CA MET F 94 -10.10 -16.33 -11.74
C MET F 94 -11.01 -16.56 -12.94
N LEU F 95 -11.91 -15.61 -13.18
CA LEU F 95 -12.83 -15.67 -14.32
C LEU F 95 -12.10 -15.61 -15.68
N GLU F 96 -11.02 -14.84 -15.73
CA GLU F 96 -10.25 -14.69 -16.96
C GLU F 96 -9.50 -15.97 -17.28
N ARG F 97 -9.07 -16.68 -16.24
CA ARG F 97 -8.30 -17.89 -16.42
C ARG F 97 -9.18 -19.14 -16.37
N ILE F 98 -10.47 -18.98 -16.63
CA ILE F 98 -11.43 -20.08 -16.49
C ILE F 98 -11.12 -21.27 -17.40
N ARG F 99 -10.60 -21.01 -18.60
CA ARG F 99 -10.26 -22.08 -19.57
C ARG F 99 -9.16 -22.99 -19.03
N LEU F 100 -8.40 -22.47 -18.06
CA LEU F 100 -7.35 -23.24 -17.40
C LEU F 100 -7.80 -24.02 -16.16
N PHE F 101 -9.09 -24.04 -15.87
CA PHE F 101 -9.59 -24.79 -14.71
C PHE F 101 -9.19 -26.25 -14.80
N ASN F 102 -8.70 -26.81 -13.69
CA ASN F 102 -8.47 -28.24 -13.65
C ASN F 102 -9.79 -28.94 -13.40
N MET F 103 -9.76 -30.28 -13.38
CA MET F 103 -10.99 -31.07 -13.39
C MET F 103 -11.90 -30.78 -12.20
N ARG F 104 -11.31 -30.70 -11.00
CA ARG F 104 -12.09 -30.41 -9.79
C ARG F 104 -12.81 -29.07 -9.93
N GLU F 105 -12.07 -28.04 -10.31
CA GLU F 105 -12.63 -26.72 -10.58
C GLU F 105 -13.74 -26.71 -11.64
N GLN F 106 -13.61 -27.56 -12.66
CA GLN F 106 -14.63 -27.60 -13.70
C GLN F 106 -15.93 -28.10 -13.09
N ILE F 107 -15.81 -29.13 -12.26
CA ILE F 107 -16.97 -29.76 -11.69
C ILE F 107 -17.66 -28.79 -10.71
N ALA F 108 -16.86 -28.13 -9.89
CA ALA F 108 -17.37 -27.13 -8.96
C ALA F 108 -18.10 -26.01 -9.70
N PHE F 109 -17.46 -25.41 -10.71
CA PHE F 109 -18.08 -24.32 -11.48
C PHE F 109 -19.38 -24.74 -12.12
N ILE F 110 -19.42 -25.97 -12.62
CA ILE F 110 -20.62 -26.46 -13.28
C ILE F 110 -21.75 -26.66 -12.26
N LYS F 111 -21.43 -27.18 -11.09
CA LYS F 111 -22.35 -27.28 -9.96
C LYS F 111 -22.99 -25.94 -9.65
N GLY F 112 -22.15 -24.90 -9.54
CA GLY F 112 -22.61 -23.57 -9.16
C GLY F 112 -23.45 -22.93 -10.22
N LEU F 113 -23.01 -23.06 -11.47
CA LEU F 113 -23.75 -22.53 -12.61
C LEU F 113 -25.10 -23.21 -12.75
N TYR F 114 -25.12 -24.52 -12.53
CA TYR F 114 -26.37 -25.25 -12.55
C TYR F 114 -27.29 -24.84 -11.39
N VAL F 115 -26.73 -24.67 -10.19
CA VAL F 115 -27.59 -24.29 -9.09
C VAL F 115 -28.20 -22.93 -9.41
N ALA F 116 -27.41 -22.03 -9.99
CA ALA F 116 -27.90 -20.71 -10.35
C ALA F 116 -28.91 -20.75 -11.49
N GLU F 117 -28.45 -21.24 -12.64
CA GLU F 117 -29.16 -21.18 -13.90
C GLU F 117 -29.63 -22.52 -14.51
N GLY F 118 -29.63 -23.63 -13.77
CA GLY F 118 -30.03 -24.92 -14.33
C GLY F 118 -31.50 -25.28 -14.12
N ASP F 119 -32.01 -26.19 -14.95
CA ASP F 119 -33.35 -26.79 -14.78
C ASP F 119 -33.43 -27.52 -13.45
N LYS F 120 -34.06 -26.91 -12.46
CA LYS F 120 -34.07 -27.49 -11.11
C LYS F 120 -35.06 -28.65 -10.95
N THR F 121 -35.94 -28.89 -11.91
CA THR F 121 -36.80 -30.09 -11.85
C THR F 121 -36.00 -31.38 -12.02
N LEU F 122 -34.81 -31.26 -12.62
CA LEU F 122 -34.00 -32.40 -13.06
C LEU F 122 -34.72 -33.42 -13.98
N LYS F 123 -35.96 -33.13 -14.39
CA LYS F 123 -36.64 -33.93 -15.41
C LYS F 123 -35.92 -33.76 -16.75
N ARG F 124 -35.60 -32.51 -17.08
CA ARG F 124 -34.68 -32.22 -18.17
C ARG F 124 -33.43 -31.60 -17.59
N LEU F 125 -32.30 -31.73 -18.30
CA LEU F 125 -31.03 -31.21 -17.81
C LEU F 125 -30.54 -30.07 -18.70
N ARG F 126 -30.85 -28.84 -18.29
CA ARG F 126 -30.61 -27.64 -19.10
C ARG F 126 -29.91 -26.50 -18.34
N ILE F 127 -29.07 -25.74 -19.04
CA ILE F 127 -28.51 -24.50 -18.48
C ILE F 127 -28.73 -23.33 -19.43
N TRP F 128 -29.39 -22.27 -18.95
CA TRP F 128 -29.63 -21.05 -19.74
C TRP F 128 -28.54 -19.98 -19.54
N ASN F 129 -28.26 -19.19 -20.59
CA ASN F 129 -27.34 -18.05 -20.50
C ASN F 129 -27.22 -17.30 -21.83
N LYS F 130 -27.08 -15.97 -21.75
CA LYS F 130 -26.85 -15.17 -22.97
C LYS F 130 -25.43 -15.26 -23.45
N ASN F 131 -24.56 -15.78 -22.61
CA ASN F 131 -23.13 -15.84 -22.90
C ASN F 131 -22.75 -17.16 -23.61
N LYS F 132 -22.84 -17.16 -24.94
CA LYS F 132 -22.63 -18.38 -25.69
C LYS F 132 -21.22 -18.97 -25.51
N ALA F 133 -20.21 -18.10 -25.47
CA ALA F 133 -18.82 -18.52 -25.26
C ALA F 133 -18.63 -19.29 -23.95
N LEU F 134 -19.19 -18.76 -22.86
CA LEU F 134 -19.18 -19.44 -21.56
C LEU F 134 -19.81 -20.83 -21.64
N LEU F 135 -20.99 -20.91 -22.27
CA LEU F 135 -21.64 -22.21 -22.43
C LEU F 135 -20.83 -23.14 -23.30
N GLU F 136 -20.10 -22.61 -24.29
CA GLU F 136 -19.27 -23.47 -25.14
C GLU F 136 -18.07 -24.02 -24.36
N ILE F 137 -17.57 -23.23 -23.41
CA ILE F 137 -16.51 -23.72 -22.54
C ILE F 137 -17.01 -24.89 -21.69
N VAL F 138 -18.19 -24.73 -21.11
CA VAL F 138 -18.82 -25.77 -20.29
C VAL F 138 -19.09 -27.02 -21.15
N SER F 139 -19.50 -26.79 -22.39
CA SER F 139 -19.79 -27.87 -23.32
C SER F 139 -18.58 -28.79 -23.53
N ARG F 140 -17.42 -28.19 -23.76
CA ARG F 140 -16.21 -28.98 -23.97
C ARG F 140 -15.87 -29.73 -22.69
N TRP F 141 -16.05 -29.08 -21.54
CA TRP F 141 -15.76 -29.73 -20.26
C TRP F 141 -16.62 -30.97 -20.07
N LEU F 142 -17.93 -30.83 -20.31
CA LEU F 142 -18.87 -31.93 -20.18
C LEU F 142 -18.46 -33.06 -21.15
N ASN F 143 -18.22 -32.72 -22.42
CA ASN F 143 -17.84 -33.74 -23.40
C ASN F 143 -16.60 -34.53 -22.98
N ASN F 144 -15.55 -33.82 -22.59
CA ASN F 144 -14.38 -34.45 -22.01
C ASN F 144 -14.69 -35.27 -20.76
N LEU F 145 -15.84 -35.02 -20.13
CA LEU F 145 -16.29 -35.78 -18.95
C LEU F 145 -17.29 -36.86 -19.34
N GLY F 146 -17.55 -36.98 -20.64
CA GLY F 146 -18.41 -38.04 -21.12
C GLY F 146 -19.89 -37.71 -21.07
N VAL F 147 -20.21 -36.43 -21.02
CA VAL F 147 -21.60 -36.01 -20.98
C VAL F 147 -21.94 -35.33 -22.30
N ARG F 148 -22.80 -35.97 -23.07
CA ARG F 148 -23.19 -35.44 -24.36
C ARG F 148 -24.10 -34.27 -24.12
N ASN F 149 -24.07 -33.32 -25.03
CA ASN F 149 -24.87 -32.14 -24.89
C ASN F 149 -24.87 -31.35 -26.17
N THR F 150 -25.80 -30.43 -26.29
CA THR F 150 -25.90 -29.57 -27.46
C THR F 150 -26.09 -28.13 -26.98
N ILE F 151 -25.95 -27.16 -27.86
CA ILE F 151 -26.28 -25.77 -27.56
C ILE F 151 -27.13 -25.16 -28.67
N HIS F 152 -28.26 -24.56 -28.32
CA HIS F 152 -29.12 -23.89 -29.28
CA HIS F 152 -29.04 -23.83 -29.31
C HIS F 152 -29.64 -22.58 -28.72
N LEU F 153 -30.04 -21.66 -29.59
CA LEU F 153 -30.66 -20.43 -29.15
C LEU F 153 -32.10 -20.78 -28.77
N ASP F 154 -32.47 -20.46 -27.54
CA ASP F 154 -33.69 -20.97 -26.95
C ASP F 154 -34.75 -19.87 -26.88
N ASP F 155 -34.31 -18.66 -26.58
CA ASP F 155 -35.21 -17.52 -26.45
C ASP F 155 -34.73 -16.42 -27.38
N HIS F 156 -35.42 -16.24 -28.52
CA HIS F 156 -35.02 -15.26 -29.51
C HIS F 156 -35.33 -13.83 -29.05
N ARG F 157 -36.28 -13.69 -28.14
CA ARG F 157 -36.65 -12.39 -27.59
C ARG F 157 -35.49 -11.68 -26.88
N HIS F 158 -34.63 -12.48 -26.25
CA HIS F 158 -33.60 -11.94 -25.37
C HIS F 158 -32.19 -12.37 -25.72
N GLY F 159 -32.05 -13.32 -26.63
CA GLY F 159 -30.73 -13.75 -27.04
C GLY F 159 -30.15 -14.78 -26.10
N VAL F 160 -31.04 -15.49 -25.42
CA VAL F 160 -30.62 -16.46 -24.42
C VAL F 160 -30.47 -17.84 -25.03
N TYR F 161 -29.25 -18.38 -24.98
CA TYR F 161 -28.97 -19.72 -25.45
C TYR F 161 -29.24 -20.75 -24.37
N VAL F 162 -29.49 -21.99 -24.76
CA VAL F 162 -29.60 -23.06 -23.77
C VAL F 162 -28.55 -24.11 -24.08
N LEU F 163 -28.07 -24.75 -23.03
CA LEU F 163 -27.21 -25.91 -23.18
C LEU F 163 -28.01 -27.09 -22.68
N ASN F 164 -28.28 -28.02 -23.57
CA ASN F 164 -29.05 -29.20 -23.21
C ASN F 164 -28.17 -30.40 -22.97
N ILE F 165 -28.23 -30.94 -21.77
CA ILE F 165 -27.49 -32.14 -21.45
C ILE F 165 -28.34 -33.37 -21.80
N SER F 166 -27.81 -34.21 -22.69
CA SER F 166 -28.56 -35.36 -23.19
C SER F 166 -28.97 -36.31 -22.08
N LEU F 167 -30.28 -36.54 -21.97
CA LEU F 167 -30.85 -37.43 -20.96
C LEU F 167 -30.25 -38.84 -21.03
N ARG F 168 -29.65 -39.18 -22.16
CA ARG F 168 -28.85 -40.40 -22.29
C ARG F 168 -27.73 -40.50 -21.26
N ASP F 169 -27.26 -39.37 -20.74
CA ASP F 169 -26.21 -39.39 -19.74
C ASP F 169 -26.64 -38.78 -18.41
N ARG F 170 -27.92 -38.87 -18.12
CA ARG F 170 -28.49 -38.35 -16.90
C ARG F 170 -27.77 -38.86 -15.66
N ILE F 171 -27.53 -40.16 -15.59
CA ILE F 171 -26.93 -40.75 -14.41
C ILE F 171 -25.49 -40.28 -14.26
N LYS F 172 -24.78 -40.19 -15.37
CA LYS F 172 -23.39 -39.75 -15.32
C LYS F 172 -23.31 -38.31 -14.84
N PHE F 173 -24.09 -37.42 -15.44
CA PHE F 173 -24.08 -36.01 -15.07
C PHE F 173 -24.51 -35.75 -13.63
N VAL F 174 -25.58 -36.42 -13.19
CA VAL F 174 -26.12 -36.16 -11.86
C VAL F 174 -25.27 -36.82 -10.77
N HIS F 175 -24.60 -37.94 -11.06
CA HIS F 175 -23.84 -38.63 -10.02
CA HIS F 175 -23.83 -38.64 -10.04
C HIS F 175 -22.35 -38.25 -10.03
N THR F 176 -21.82 -37.89 -11.19
CA THR F 176 -20.39 -37.61 -11.27
C THR F 176 -20.10 -36.12 -11.13
N ILE F 177 -21.02 -35.29 -11.60
CA ILE F 177 -20.78 -33.86 -11.59
C ILE F 177 -21.59 -33.18 -10.48
N LEU F 178 -22.92 -33.19 -10.57
CA LEU F 178 -23.75 -32.55 -9.55
C LEU F 178 -23.51 -33.16 -8.16
N SER F 179 -23.30 -34.47 -8.07
CA SER F 179 -23.14 -35.12 -6.78
C SER F 179 -21.70 -35.43 -6.43
N SER F 180 -20.78 -34.55 -6.78
CA SER F 180 -19.36 -34.81 -6.51
C SER F 180 -18.92 -34.25 -5.15
N HIS F 181 -18.10 -35.03 -4.46
CA HIS F 181 -17.70 -34.73 -3.08
C HIS F 181 -16.24 -34.26 -2.98
N LEU F 182 -15.73 -33.72 -4.07
CA LEU F 182 -14.45 -33.04 -4.05
C LEU F 182 -14.68 -31.57 -3.73
N ASN F 183 -15.91 -31.11 -3.99
CA ASN F 183 -16.29 -29.72 -3.80
C ASN F 183 -17.60 -29.71 -2.98
N PRO F 184 -18.08 -28.53 -2.54
CA PRO F 184 -19.37 -28.51 -1.82
C PRO F 184 -20.55 -29.08 -2.62
N LEU F 185 -21.41 -29.81 -1.91
CA LEU F 185 -22.59 -30.43 -2.49
C LEU F 185 -23.72 -29.41 -2.69
N PRO F 186 -24.21 -29.32 -3.93
CA PRO F 186 -25.43 -28.54 -4.22
C PRO F 186 -26.59 -29.00 -3.33
N PRO F 187 -27.56 -28.11 -3.10
CA PRO F 187 -28.71 -28.41 -2.22
C PRO F 187 -29.51 -29.65 -2.60
N GLU F 188 -29.97 -29.74 -3.84
CA GLU F 188 -30.83 -30.85 -4.25
C GLU F 188 -30.04 -32.14 -4.42
N ALA F 189 -28.73 -32.02 -4.68
CA ALA F 189 -27.86 -33.19 -4.81
C ALA F 189 -27.59 -33.87 -3.47
N ALA F 190 -27.29 -33.05 -2.45
CA ALA F 190 -27.02 -33.58 -1.12
C ALA F 190 -28.27 -34.15 -0.47
N ALA F 191 -29.44 -33.66 -0.87
CA ALA F 191 -30.72 -34.10 -0.33
C ALA F 191 -31.10 -35.50 -0.84
N LEU F 192 -30.80 -35.78 -2.12
CA LEU F 192 -31.07 -37.10 -2.71
C LEU F 192 -30.17 -38.16 -2.11
N GLU F 193 -28.96 -37.74 -1.74
CA GLU F 193 -28.00 -38.66 -1.20
C GLU F 193 -28.29 -39.13 0.22
N HIS F 194 -28.79 -38.22 1.04
CA HIS F 194 -29.23 -38.60 2.39
C HIS F 194 -30.68 -39.08 2.32
N HIS F 195 -31.16 -39.33 1.09
CA HIS F 195 -32.57 -39.50 0.73
C HIS F 195 -33.55 -38.97 1.78
N GLU K 5 26.80 1.72 5.91
CA GLU K 5 27.48 0.79 6.81
C GLU K 5 28.73 0.20 6.16
N ASN K 6 28.78 -1.13 6.12
CA ASN K 6 29.69 -1.88 5.25
C ASN K 6 28.82 -2.23 4.05
N VAL K 7 27.52 -2.02 4.23
CA VAL K 7 26.53 -2.16 3.16
C VAL K 7 26.74 -1.09 2.09
N SER K 8 27.13 0.12 2.49
CA SER K 8 27.37 1.16 1.50
C SER K 8 28.60 0.83 0.63
N GLY K 9 29.58 0.12 1.18
CA GLY K 9 30.78 -0.24 0.43
C GLY K 9 30.44 -1.27 -0.62
N ILE K 10 29.85 -2.36 -0.19
CA ILE K 10 29.40 -3.39 -1.12
C ILE K 10 28.48 -2.79 -2.21
N SER K 11 27.66 -1.83 -1.82
CA SER K 11 26.70 -1.20 -2.75
C SER K 11 27.38 -0.35 -3.83
N ALA K 12 28.41 0.40 -3.42
CA ALA K 12 29.16 1.25 -4.31
C ALA K 12 29.95 0.41 -5.34
N TYR K 13 30.46 -0.73 -4.90
CA TYR K 13 31.17 -1.68 -5.76
C TYR K 13 30.23 -2.30 -6.78
N LEU K 14 29.05 -2.73 -6.30
CA LEU K 14 28.04 -3.31 -7.19
C LEU K 14 27.59 -2.27 -8.21
N LEU K 15 27.35 -1.05 -7.74
CA LEU K 15 27.02 0.05 -8.66
C LEU K 15 28.15 0.28 -9.70
N GLY K 16 29.39 0.03 -9.30
CA GLY K 16 30.50 0.13 -10.26
C GLY K 16 30.30 -0.90 -11.36
N LEU K 17 30.12 -2.16 -10.97
CA LEU K 17 29.79 -3.21 -11.90
C LEU K 17 28.58 -2.86 -12.77
N ILE K 18 27.52 -2.34 -12.16
CA ILE K 18 26.26 -2.12 -12.87
C ILE K 18 26.47 -1.06 -13.94
N ILE K 19 27.06 0.07 -13.58
CA ILE K 19 27.29 1.15 -14.54
C ILE K 19 28.29 0.73 -15.62
N GLY K 20 29.32 0.01 -15.22
CA GLY K 20 30.31 -0.47 -16.15
C GLY K 20 29.78 -1.50 -17.12
N ASP K 21 29.29 -2.62 -16.57
CA ASP K 21 28.94 -3.77 -17.39
C ASP K 21 27.47 -4.19 -17.39
N GLY K 22 26.57 -3.43 -16.77
CA GLY K 22 25.18 -3.79 -16.83
C GLY K 22 24.26 -2.60 -17.00
N GLY K 23 23.24 -2.52 -16.16
CA GLY K 23 22.35 -1.38 -16.25
C GLY K 23 21.20 -1.34 -15.26
N LEU K 24 20.48 -0.22 -15.26
CA LEU K 24 19.28 -0.08 -14.49
C LEU K 24 18.17 0.14 -15.50
N TYR K 25 17.25 -0.81 -15.61
CA TYR K 25 16.22 -0.73 -16.65
C TYR K 25 14.83 -0.54 -16.07
N LYS K 26 14.17 0.54 -16.47
CA LYS K 26 12.77 0.73 -16.15
C LYS K 26 11.94 0.45 -17.39
N LEU K 27 11.27 -0.71 -17.44
CA LEU K 27 10.58 -1.14 -18.65
C LEU K 27 9.03 -1.02 -18.60
N LYS K 28 8.45 -0.79 -19.78
CA LYS K 28 7.00 -0.72 -19.97
C LYS K 28 6.58 -1.77 -21.00
N TYR K 29 5.68 -2.65 -20.61
CA TYR K 29 5.20 -3.69 -21.50
C TYR K 29 3.73 -3.47 -21.83
N LYS K 30 3.28 -4.04 -22.94
CA LYS K 30 1.85 -4.14 -23.16
C LYS K 30 1.32 -5.07 -22.08
N GLY K 31 0.37 -4.66 -21.24
CA GLY K 31 -0.09 -3.28 -21.06
C GLY K 31 -0.98 -3.30 -19.83
N ASN K 32 -0.94 -2.29 -18.98
CA ASN K 32 0.21 -1.41 -18.85
C ASN K 32 1.20 -2.10 -17.93
N ARG K 33 1.69 -3.27 -18.31
CA ARG K 33 2.61 -3.99 -17.43
C ARG K 33 3.97 -3.28 -17.33
N SER K 34 4.76 -3.68 -16.33
CA SER K 34 6.01 -2.97 -16.08
C SER K 34 7.02 -3.91 -15.42
N GLU K 35 8.27 -3.46 -15.39
CA GLU K 35 9.32 -4.18 -14.70
C GLU K 35 10.50 -3.23 -14.39
N TYR K 36 11.26 -3.55 -13.35
CA TYR K 36 12.39 -2.73 -12.95
C TYR K 36 13.53 -3.70 -12.78
N ARG K 37 14.67 -3.44 -13.45
CA ARG K 37 15.76 -4.42 -13.48
C ARG K 37 17.13 -3.85 -13.08
N VAL K 38 17.80 -4.62 -12.24
CA VAL K 38 19.16 -4.37 -11.85
C VAL K 38 19.97 -5.48 -12.49
N VAL K 39 20.90 -5.08 -13.35
CA VAL K 39 21.63 -6.02 -14.20
C VAL K 39 23.13 -5.80 -14.17
N ILE K 40 23.87 -6.91 -14.00
CA ILE K 40 25.27 -6.98 -14.32
C ILE K 40 25.47 -8.10 -15.33
N THR K 41 26.12 -7.83 -16.47
CA THR K 41 26.50 -8.92 -17.38
C THR K 41 27.99 -9.24 -17.31
N GLN K 42 28.34 -10.49 -17.59
CA GLN K 42 29.71 -10.96 -17.58
C GLN K 42 29.85 -12.31 -18.26
N LYS K 43 31.02 -12.60 -18.82
CA LYS K 43 31.27 -13.82 -19.59
C LYS K 43 31.46 -15.02 -18.68
N SER K 44 32.30 -14.83 -17.68
CA SER K 44 32.65 -15.87 -16.72
C SER K 44 31.50 -16.28 -15.82
N GLU K 45 31.07 -17.53 -15.94
CA GLU K 45 30.02 -18.04 -15.09
C GLU K 45 30.48 -18.09 -13.64
N ASN K 46 31.75 -18.45 -13.44
CA ASN K 46 32.32 -18.55 -12.10
C ASN K 46 32.38 -17.20 -11.39
N LEU K 47 32.73 -16.16 -12.14
CA LEU K 47 32.83 -14.82 -11.57
C LEU K 47 31.45 -14.36 -11.12
N ILE K 48 30.45 -14.57 -11.98
CA ILE K 48 29.10 -14.15 -11.65
C ILE K 48 28.52 -14.92 -10.47
N LYS K 49 28.63 -16.25 -10.47
CA LYS K 49 27.95 -17.02 -9.43
C LYS K 49 28.72 -17.09 -8.12
N GLN K 50 30.04 -17.03 -8.17
CA GLN K 50 30.83 -17.23 -6.97
C GLN K 50 31.36 -15.94 -6.34
N HIS K 51 31.32 -14.84 -7.08
CA HIS K 51 31.80 -13.60 -6.46
C HIS K 51 30.74 -12.49 -6.47
N ILE K 52 30.09 -12.30 -7.61
CA ILE K 52 29.15 -11.20 -7.73
C ILE K 52 27.79 -11.54 -7.08
N ALA K 53 27.19 -12.66 -7.45
CA ALA K 53 25.91 -13.09 -6.89
C ALA K 53 25.85 -13.11 -5.35
N PRO K 54 26.88 -13.64 -4.67
CA PRO K 54 26.74 -13.61 -3.21
C PRO K 54 26.74 -12.20 -2.63
N LEU K 55 27.43 -11.26 -3.26
CA LEU K 55 27.43 -9.90 -2.78
C LEU K 55 26.06 -9.28 -3.02
N MET K 56 25.44 -9.59 -4.15
CA MET K 56 24.11 -9.07 -4.46
C MET K 56 23.10 -9.65 -3.47
N GLN K 57 23.23 -10.95 -3.23
CA GLN K 57 22.38 -11.66 -2.29
C GLN K 57 22.50 -11.08 -0.88
N PHE K 58 23.70 -10.67 -0.50
CA PHE K 58 23.86 -10.09 0.81
C PHE K 58 23.05 -8.81 0.86
N LEU K 59 23.11 -8.05 -0.22
CA LEU K 59 22.46 -6.75 -0.27
C LEU K 59 20.94 -6.92 -0.26
N ILE K 60 20.47 -7.95 -0.95
CA ILE K 60 19.03 -8.25 -1.03
C ILE K 60 18.46 -8.60 0.35
N ASP K 61 19.18 -9.42 1.12
CA ASP K 61 18.84 -9.74 2.50
C ASP K 61 18.79 -8.51 3.37
N GLU K 62 19.83 -7.66 3.27
CA GLU K 62 19.88 -6.43 4.04
C GLU K 62 18.70 -5.49 3.80
N LEU K 63 18.27 -5.36 2.55
CA LEU K 63 17.19 -4.44 2.21
C LEU K 63 15.83 -5.10 2.24
N ASN K 64 15.81 -6.39 2.60
CA ASN K 64 14.58 -7.18 2.61
C ASN K 64 13.87 -7.15 1.28
N VAL K 65 14.64 -7.11 0.18
CA VAL K 65 14.09 -7.27 -1.15
C VAL K 65 13.61 -8.71 -1.31
N LYS K 66 12.44 -8.91 -1.90
CA LYS K 66 11.91 -10.27 -1.97
C LYS K 66 12.19 -10.95 -3.31
N SER K 67 12.66 -10.18 -4.29
CA SER K 67 12.96 -10.72 -5.61
C SER K 67 14.10 -11.73 -5.58
N LYS K 68 14.23 -12.56 -6.60
CA LYS K 68 15.29 -13.53 -6.58
C LYS K 68 16.41 -13.10 -7.53
N ILE K 69 17.62 -13.60 -7.29
CA ILE K 69 18.68 -13.32 -8.24
C ILE K 69 18.54 -14.26 -9.43
N GLN K 70 18.29 -13.71 -10.60
CA GLN K 70 18.24 -14.53 -11.81
C GLN K 70 19.59 -14.49 -12.51
N ILE K 71 20.09 -15.64 -12.94
CA ILE K 71 21.24 -15.68 -13.85
C ILE K 71 20.75 -16.21 -15.18
N VAL K 72 20.84 -15.40 -16.23
CA VAL K 72 20.35 -15.80 -17.55
C VAL K 72 21.53 -15.97 -18.53
N LYS K 73 21.48 -17.03 -19.32
CA LYS K 73 22.58 -17.40 -20.21
C LYS K 73 22.33 -16.95 -21.64
N GLY K 74 23.09 -15.95 -22.08
CA GLY K 74 23.13 -15.58 -23.49
C GLY K 74 24.32 -16.29 -24.10
N ASP K 75 24.46 -16.23 -25.42
CA ASP K 75 25.54 -17.01 -26.00
C ASP K 75 26.91 -16.40 -25.76
N THR K 76 26.96 -15.08 -25.60
CA THR K 76 28.26 -14.40 -25.45
C THR K 76 28.52 -13.86 -24.04
N ARG K 77 27.62 -14.14 -23.09
CA ARG K 77 27.64 -13.53 -21.76
C ARG K 77 26.57 -14.08 -20.83
N TYR K 78 26.90 -14.15 -19.54
CA TYR K 78 25.91 -14.38 -18.50
C TYR K 78 25.32 -13.06 -17.98
N GLU K 79 24.01 -13.03 -17.78
CA GLU K 79 23.32 -11.85 -17.27
C GLU K 79 22.75 -12.13 -15.88
N LEU K 80 23.35 -11.50 -14.87
CA LEU K 80 22.75 -11.47 -13.54
C LEU K 80 21.65 -10.42 -13.50
N ARG K 81 20.48 -10.80 -13.00
CA ARG K 81 19.34 -9.91 -13.02
C ARG K 81 18.51 -10.01 -11.76
N VAL K 82 18.22 -8.86 -11.18
CA VAL K 82 17.25 -8.78 -10.12
C VAL K 82 16.07 -7.95 -10.60
N SER K 83 14.91 -8.60 -10.70
CA SER K 83 13.68 -7.89 -11.03
C SER K 83 13.05 -7.30 -9.76
N SER K 84 13.29 -6.01 -9.48
CA SER K 84 12.87 -5.41 -8.21
C SER K 84 12.75 -3.87 -8.25
N LYS K 85 11.53 -3.37 -8.16
CA LYS K 85 11.31 -1.91 -8.17
C LYS K 85 12.15 -1.25 -7.07
N LYS K 86 12.20 -1.93 -5.93
CA LYS K 86 12.98 -1.46 -4.78
C LYS K 86 14.50 -1.44 -4.98
N LEU K 87 15.07 -2.54 -5.48
CA LEU K 87 16.52 -2.59 -5.70
C LEU K 87 16.88 -1.56 -6.76
N TYR K 88 16.00 -1.45 -7.75
CA TYR K 88 16.17 -0.47 -8.80
C TYR K 88 16.34 0.95 -8.25
N TYR K 89 15.36 1.46 -7.48
CA TYR K 89 15.44 2.84 -7.03
C TYR K 89 16.56 3.01 -6.03
N TYR K 90 16.84 1.95 -5.31
CA TYR K 90 17.97 1.99 -4.40
C TYR K 90 19.25 2.42 -5.15
N PHE K 91 19.57 1.72 -6.24
CA PHE K 91 20.80 2.03 -6.97
C PHE K 91 20.62 3.31 -7.79
N ALA K 92 19.45 3.47 -8.38
CA ALA K 92 19.17 4.65 -9.18
C ALA K 92 19.35 5.91 -8.33
N ASN K 93 18.85 5.89 -7.09
CA ASN K 93 19.00 7.05 -6.18
C ASN K 93 20.44 7.20 -5.72
N MET K 94 21.10 6.07 -5.53
CA MET K 94 22.50 6.11 -5.14
C MET K 94 23.32 6.73 -6.29
N LEU K 95 22.96 6.43 -7.54
CA LEU K 95 23.69 6.97 -8.67
C LEU K 95 23.57 8.50 -8.77
N GLU K 96 22.37 9.01 -8.49
CA GLU K 96 22.15 10.42 -8.72
C GLU K 96 22.79 11.23 -7.59
N ARG K 97 23.20 10.54 -6.53
CA ARG K 97 23.95 11.17 -5.43
C ARG K 97 25.46 10.83 -5.47
N ILE K 98 25.94 10.37 -6.62
CA ILE K 98 27.30 9.83 -6.70
C ILE K 98 28.37 10.86 -6.31
N ARG K 99 28.09 12.13 -6.54
CA ARG K 99 29.08 13.18 -6.30
C ARG K 99 29.39 13.34 -4.81
N LEU K 100 28.55 12.75 -3.96
CA LEU K 100 28.66 12.88 -2.51
C LEU K 100 29.19 11.64 -1.82
N PHE K 101 29.65 10.67 -2.60
CA PHE K 101 30.26 9.46 -2.04
C PHE K 101 31.40 9.80 -1.08
N ASN K 102 31.47 9.08 0.03
CA ASN K 102 32.62 9.20 0.92
C ASN K 102 33.79 8.38 0.37
N MET K 103 34.92 8.40 1.08
CA MET K 103 36.14 7.82 0.53
C MET K 103 36.06 6.31 0.36
N ARG K 104 35.50 5.61 1.33
CA ARG K 104 35.27 4.17 1.22
C ARG K 104 34.35 3.84 0.02
N GLU K 105 33.40 4.73 -0.26
CA GLU K 105 32.46 4.53 -1.38
C GLU K 105 33.14 4.79 -2.73
N GLN K 106 33.96 5.84 -2.80
CA GLN K 106 34.74 6.14 -3.99
C GLN K 106 35.62 4.98 -4.38
N ILE K 107 36.33 4.45 -3.39
CA ILE K 107 37.29 3.41 -3.68
C ILE K 107 36.57 2.15 -4.19
N ALA K 108 35.47 1.80 -3.52
CA ALA K 108 34.67 0.63 -3.92
C ALA K 108 34.12 0.77 -5.33
N PHE K 109 33.56 1.93 -5.64
CA PHE K 109 32.98 2.22 -6.95
C PHE K 109 34.06 2.17 -8.07
N ILE K 110 35.22 2.77 -7.83
CA ILE K 110 36.29 2.77 -8.84
C ILE K 110 36.77 1.36 -9.10
N LYS K 111 36.86 0.57 -8.03
CA LYS K 111 37.23 -0.83 -8.14
C LYS K 111 36.20 -1.59 -8.98
N GLY K 112 34.91 -1.40 -8.66
CA GLY K 112 33.81 -2.02 -9.39
C GLY K 112 33.84 -1.62 -10.84
N LEU K 113 34.06 -0.34 -11.10
CA LEU K 113 34.14 0.15 -12.46
C LEU K 113 35.39 -0.40 -13.19
N TYR K 114 36.49 -0.53 -12.47
CA TYR K 114 37.70 -1.10 -13.06
C TYR K 114 37.53 -2.57 -13.35
N VAL K 115 36.97 -3.34 -12.41
CA VAL K 115 36.65 -4.75 -12.72
C VAL K 115 35.84 -4.85 -14.01
N ALA K 116 34.87 -3.95 -14.21
CA ALA K 116 34.05 -4.02 -15.41
C ALA K 116 34.80 -3.57 -16.67
N GLU K 117 35.38 -2.37 -16.63
CA GLU K 117 35.93 -1.80 -17.81
C GLU K 117 37.32 -1.14 -17.73
N GLY K 118 38.09 -1.52 -16.72
CA GLY K 118 39.48 -1.12 -16.67
C GLY K 118 40.36 -2.00 -17.54
N ASP K 119 41.56 -1.53 -17.84
CA ASP K 119 42.62 -2.30 -18.54
C ASP K 119 43.13 -3.42 -17.63
N LYS K 120 42.90 -4.67 -18.04
CA LYS K 120 43.21 -5.79 -17.15
C LYS K 120 44.53 -6.51 -17.45
N THR K 121 45.30 -6.01 -18.41
CA THR K 121 46.67 -6.45 -18.56
C THR K 121 47.54 -5.81 -17.48
N LEU K 122 47.05 -4.71 -16.89
CA LEU K 122 47.80 -3.89 -15.94
C LEU K 122 49.18 -3.42 -16.48
N LYS K 123 49.54 -3.82 -17.71
CA LYS K 123 50.65 -3.17 -18.39
C LYS K 123 50.36 -1.68 -18.47
N ARG K 124 49.10 -1.33 -18.74
CA ARG K 124 48.64 0.04 -18.64
C ARG K 124 47.43 0.15 -17.69
N LEU K 125 47.18 1.35 -17.15
CA LEU K 125 46.06 1.56 -16.23
C LEU K 125 45.05 2.53 -16.83
N ARG K 126 43.98 1.97 -17.38
CA ARG K 126 43.02 2.73 -18.17
C ARG K 126 41.57 2.32 -17.89
N ILE K 127 40.66 3.29 -17.92
CA ILE K 127 39.22 3.05 -17.83
C ILE K 127 38.52 3.67 -19.05
N TRP K 128 37.75 2.87 -19.76
CA TRP K 128 37.03 3.37 -20.92
C TRP K 128 35.56 3.69 -20.57
N ASN K 129 35.04 4.83 -21.01
CA ASN K 129 33.58 5.06 -20.94
C ASN K 129 33.10 6.13 -21.90
N LYS K 130 31.89 5.96 -22.42
CA LYS K 130 31.19 7.02 -23.16
C LYS K 130 30.86 8.24 -22.29
N ASN K 131 30.64 8.00 -21.00
CA ASN K 131 30.21 9.04 -20.08
C ASN K 131 31.37 9.89 -19.58
N LYS K 132 31.66 10.97 -20.28
CA LYS K 132 32.71 11.88 -19.87
C LYS K 132 32.51 12.43 -18.44
N ALA K 133 31.27 12.81 -18.13
CA ALA K 133 30.97 13.38 -16.82
C ALA K 133 31.33 12.39 -15.72
N LEU K 134 30.98 11.12 -15.90
CA LEU K 134 31.36 10.11 -14.92
C LEU K 134 32.89 9.98 -14.76
N LEU K 135 33.63 10.07 -15.87
CA LEU K 135 35.07 9.94 -15.78
C LEU K 135 35.65 11.16 -15.07
N GLU K 136 35.16 12.35 -15.40
CA GLU K 136 35.64 13.58 -14.74
CA GLU K 136 35.61 13.58 -14.75
C GLU K 136 35.48 13.48 -13.22
N ILE K 137 34.42 12.81 -12.76
CA ILE K 137 34.19 12.58 -11.33
C ILE K 137 35.18 11.58 -10.75
N VAL K 138 35.38 10.47 -11.45
CA VAL K 138 36.40 9.51 -11.04
C VAL K 138 37.80 10.15 -11.07
N SER K 139 38.02 11.02 -12.06
CA SER K 139 39.27 11.75 -12.16
C SER K 139 39.52 12.61 -10.92
N ARG K 140 38.49 13.33 -10.47
CA ARG K 140 38.63 14.17 -9.30
C ARG K 140 38.91 13.32 -8.07
N TRP K 141 38.22 12.20 -7.95
CA TRP K 141 38.46 11.31 -6.83
C TRP K 141 39.90 10.77 -6.82
N LEU K 142 40.41 10.35 -7.97
CA LEU K 142 41.76 9.82 -8.02
C LEU K 142 42.80 10.91 -7.64
N ASN K 143 42.59 12.13 -8.11
CA ASN K 143 43.51 13.22 -7.78
C ASN K 143 43.57 13.49 -6.28
N ASN K 144 42.43 13.36 -5.59
CA ASN K 144 42.40 13.56 -4.15
C ASN K 144 43.10 12.42 -3.42
N LEU K 145 43.11 11.24 -4.04
CA LEU K 145 43.80 10.07 -3.51
C LEU K 145 45.26 9.97 -3.98
N GLY K 146 45.74 11.02 -4.63
CA GLY K 146 47.14 11.05 -5.04
C GLY K 146 47.47 10.19 -6.24
N VAL K 147 46.49 9.99 -7.11
CA VAL K 147 46.68 9.26 -8.34
C VAL K 147 46.43 10.19 -9.52
N ARG K 148 47.50 10.59 -10.20
CA ARG K 148 47.41 11.51 -11.33
C ARG K 148 46.84 10.77 -12.52
N ASN K 149 46.13 11.49 -13.38
CA ASN K 149 45.41 10.86 -14.48
C ASN K 149 45.01 11.86 -15.57
N THR K 150 44.64 11.36 -16.74
CA THR K 150 44.22 12.25 -17.80
C THR K 150 43.04 11.67 -18.55
N ILE K 151 42.24 12.54 -19.15
CA ILE K 151 41.11 12.07 -19.90
C ILE K 151 41.17 12.62 -21.32
N HIS K 152 40.89 11.76 -22.29
CA HIS K 152 40.91 12.11 -23.72
CA HIS K 152 40.74 12.25 -23.65
C HIS K 152 39.82 11.32 -24.42
N LEU K 153 39.41 11.77 -25.60
CA LEU K 153 38.54 10.98 -26.45
C LEU K 153 39.39 9.91 -27.15
N ASP K 154 39.09 8.64 -26.90
CA ASP K 154 39.96 7.56 -27.37
C ASP K 154 39.47 6.96 -28.68
N ASP K 155 38.17 6.66 -28.74
CA ASP K 155 37.59 6.04 -29.91
C ASP K 155 36.54 6.94 -30.56
N HIS K 156 36.87 7.48 -31.74
CA HIS K 156 35.97 8.40 -32.44
C HIS K 156 34.81 7.65 -33.11
N ARG K 157 34.91 6.32 -33.23
CA ARG K 157 33.85 5.52 -33.85
C ARG K 157 32.63 5.37 -32.94
N HIS K 158 32.84 5.38 -31.64
CA HIS K 158 31.75 5.20 -30.70
C HIS K 158 31.70 6.26 -29.60
N GLY K 159 32.48 7.32 -29.76
CA GLY K 159 32.49 8.38 -28.78
C GLY K 159 32.97 7.98 -27.41
N VAL K 160 33.87 7.00 -27.36
CA VAL K 160 34.39 6.48 -26.09
C VAL K 160 35.59 7.26 -25.51
N TYR K 161 35.44 7.75 -24.28
CA TYR K 161 36.56 8.44 -23.62
C TYR K 161 37.35 7.43 -22.81
N VAL K 162 38.64 7.73 -22.61
CA VAL K 162 39.50 6.92 -21.78
C VAL K 162 40.05 7.79 -20.66
N LEU K 163 40.04 7.23 -19.46
CA LEU K 163 40.76 7.80 -18.34
C LEU K 163 42.05 7.04 -18.14
N ASN K 164 43.18 7.71 -18.33
CA ASN K 164 44.49 7.07 -18.23
C ASN K 164 45.17 7.39 -16.91
N ILE K 165 45.47 6.35 -16.14
CA ILE K 165 46.14 6.55 -14.86
C ILE K 165 47.65 6.54 -15.06
N SER K 166 48.31 7.64 -14.71
CA SER K 166 49.75 7.76 -14.86
C SER K 166 50.47 6.59 -14.19
N LEU K 167 51.32 5.90 -14.94
CA LEU K 167 52.07 4.77 -14.39
C LEU K 167 53.06 5.22 -13.31
N ARG K 168 53.30 6.52 -13.21
CA ARG K 168 54.07 7.08 -12.08
C ARG K 168 53.42 6.76 -10.75
N ASP K 169 52.10 6.84 -10.72
CA ASP K 169 51.33 6.54 -9.52
C ASP K 169 50.72 5.14 -9.54
N ARG K 170 51.35 4.24 -10.30
CA ARG K 170 50.90 2.86 -10.43
C ARG K 170 50.74 2.13 -9.11
N ILE K 171 51.78 2.17 -8.28
CA ILE K 171 51.76 1.39 -7.06
C ILE K 171 50.67 1.90 -6.09
N LYS K 172 50.48 3.21 -6.03
CA LYS K 172 49.47 3.74 -5.11
C LYS K 172 48.07 3.38 -5.60
N PHE K 173 47.92 3.23 -6.91
CA PHE K 173 46.61 2.92 -7.47
C PHE K 173 46.28 1.45 -7.22
N VAL K 174 47.24 0.56 -7.49
CA VAL K 174 46.99 -0.86 -7.36
C VAL K 174 46.74 -1.23 -5.89
N HIS K 175 47.33 -0.50 -4.95
CA HIS K 175 47.12 -0.83 -3.55
C HIS K 175 45.89 -0.16 -2.90
N THR K 176 45.68 1.12 -3.20
CA THR K 176 44.57 1.84 -2.60
C THR K 176 43.22 1.45 -3.20
N ILE K 177 43.20 1.19 -4.51
CA ILE K 177 41.95 0.93 -5.20
C ILE K 177 41.71 -0.54 -5.45
N LEU K 178 42.63 -1.20 -6.14
CA LEU K 178 42.40 -2.57 -6.58
C LEU K 178 42.56 -3.57 -5.45
N SER K 179 43.49 -3.29 -4.55
CA SER K 179 43.87 -4.23 -3.50
C SER K 179 43.29 -3.90 -2.12
N SER K 180 42.25 -3.09 -2.09
CA SER K 180 41.58 -2.79 -0.84
C SER K 180 40.11 -3.22 -0.93
N HIS K 181 39.67 -4.04 0.02
CA HIS K 181 38.36 -4.66 -0.01
C HIS K 181 37.58 -4.38 1.27
N LEU K 182 36.89 -3.25 1.33
CA LEU K 182 36.16 -2.96 2.55
C LEU K 182 34.75 -2.50 2.09
MN MN P . -1.49 30.60 23.87
MN MN Q . -6.09 30.65 17.94
C ACT R . -4.95 15.99 29.72
O ACT R . -4.35 17.03 30.02
OXT ACT R . -6.18 15.97 29.58
CH3 ACT R . -4.17 14.74 29.56
C ACT S . -15.40 24.20 13.02
O ACT S . -14.33 23.87 12.47
OXT ACT S . -15.47 24.00 14.26
CH3 ACT S . -16.54 24.81 12.25
MN MN T . -31.22 -18.89 -9.88
MN MN U . -27.30 -15.65 -15.28
C ACT V . -29.03 -28.03 -8.67
O ACT V . -27.99 -28.51 -9.20
OXT ACT V . -29.83 -27.48 -9.45
CH3 ACT V . -29.28 -28.14 -7.20
MN MN W . 30.25 0.17 -19.85
MN MN X . 33.90 -6.12 -18.49
#